data_1HES
#
_entry.id   1HES
#
_cell.length_a   125.720
_cell.length_b   125.720
_cell.length_c   75.270
_cell.angle_alpha   90.00
_cell.angle_beta   90.00
_cell.angle_gamma   120.00
#
_symmetry.space_group_name_H-M   'P 64'
#
loop_
_entity.id
_entity.type
_entity.pdbx_description
1 polymer 'CLATHRIN COAT ASSEMBLY PROTEIN AP50'
2 polymer 'P-SELECTIN PEPTIDE'
3 water water
#
loop_
_entity_poly.entity_id
_entity_poly.type
_entity_poly.pdbx_seq_one_letter_code
_entity_poly.pdbx_strand_id
1 'polypeptide(L)'
;MHHHHHHQIGWRREGIKYRRNELFLDVLESVNLLMSPQGQVLSAHVSGRVVMKSYLSGMPECKFGMNDKIVIEKQGKGTA
DETSKSGKQSIAIDDCTFHQCVRLSKFDSERSISFIPPDGEFELMRYRTTKDIILPFRVIPLVREVGRTKLEVKVVIKSN
FKPSLLAQKIEVRIPTPLNTSGVQVICMKGKAKYKASENAIVWKIKRMAGMKESQISAEIELLPTNDKKKWARPPISMNF
EVPFAPSGLKVRYLKVFEPKLNYSDHDVIKWVRYIGRSGIYETRC
;
A
2 'polypeptide(L)' SHLGTYGVFTNAAFDPSP P
#
# COMPACT_ATOMS: atom_id res chain seq x y z
N ILE A 9 4.09 -33.20 13.18
CA ILE A 9 3.68 -31.88 12.68
C ILE A 9 3.37 -32.12 11.25
N GLY A 10 2.15 -31.95 10.84
CA GLY A 10 1.80 -32.27 9.49
C GLY A 10 2.03 -31.17 8.50
N TRP A 11 2.62 -30.04 8.89
CA TRP A 11 2.88 -29.02 7.87
C TRP A 11 4.37 -28.93 7.55
N ARG A 12 5.19 -29.65 8.32
CA ARG A 12 6.64 -29.64 8.12
C ARG A 12 7.29 -30.98 8.37
N ARG A 13 7.96 -31.48 7.32
CA ARG A 13 8.64 -32.76 7.39
C ARG A 13 9.83 -32.68 8.30
N GLU A 14 10.47 -33.80 8.56
CA GLU A 14 11.47 -33.83 9.65
C GLU A 14 12.99 -33.68 9.39
N GLY A 15 13.50 -34.00 8.20
CA GLY A 15 14.95 -33.82 7.99
C GLY A 15 15.51 -32.73 7.04
N ILE A 16 15.01 -31.51 7.15
CA ILE A 16 15.33 -30.46 6.21
C ILE A 16 16.70 -29.88 6.63
N LYS A 17 17.63 -29.77 5.69
CA LYS A 17 18.89 -29.11 6.01
C LYS A 17 19.24 -28.17 4.89
N TYR A 18 19.88 -27.07 5.25
CA TYR A 18 20.20 -26.00 4.34
C TYR A 18 21.57 -25.50 4.80
N ARG A 19 22.49 -25.28 3.88
CA ARG A 19 23.79 -24.74 4.28
C ARG A 19 23.66 -23.30 4.67
N ARG A 20 22.79 -22.63 3.92
CA ARG A 20 22.58 -21.22 4.04
C ARG A 20 21.20 -21.06 4.68
N ASN A 21 21.14 -20.91 6.01
CA ASN A 21 19.86 -20.76 6.70
C ASN A 21 19.40 -19.33 6.57
N GLU A 22 18.30 -19.15 5.87
CA GLU A 22 17.89 -17.83 5.45
C GLU A 22 16.38 -17.70 5.34
N LEU A 23 15.83 -16.56 5.74
CA LEU A 23 14.38 -16.39 5.66
C LEU A 23 13.98 -15.05 5.12
N PHE A 24 12.79 -15.01 4.57
CA PHE A 24 12.24 -13.82 3.95
C PHE A 24 10.83 -13.45 4.39
N LEU A 25 10.62 -12.19 4.77
CA LEU A 25 9.27 -11.73 5.08
C LEU A 25 8.76 -10.64 4.18
N ASP A 26 7.50 -10.79 3.83
CA ASP A 26 6.79 -9.82 3.06
C ASP A 26 5.60 -9.32 3.85
N VAL A 27 5.51 -8.01 4.00
CA VAL A 27 4.39 -7.44 4.67
C VAL A 27 3.62 -6.81 3.55
N LEU A 28 2.45 -7.33 3.24
CA LEU A 28 1.72 -6.84 2.11
C LEU A 28 0.48 -6.11 2.53
N GLU A 29 0.38 -4.84 2.24
CA GLU A 29 -0.81 -4.12 2.65
C GLU A 29 -1.45 -3.39 1.53
N SER A 30 -2.74 -3.36 1.59
CA SER A 30 -3.46 -2.63 0.62
C SER A 30 -4.07 -1.46 1.32
N VAL A 31 -3.81 -0.19 0.94
CA VAL A 31 -4.46 0.86 1.74
C VAL A 31 -5.75 1.47 1.15
N ASN A 32 -6.74 1.58 1.98
CA ASN A 32 -7.97 2.16 1.46
C ASN A 32 -8.46 3.45 2.08
N LEU A 33 -9.12 4.26 1.27
CA LEU A 33 -9.51 5.60 1.70
C LEU A 33 -10.64 6.28 0.92
N LEU A 34 -11.55 6.88 1.66
CA LEU A 34 -12.61 7.70 1.13
C LEU A 34 -12.45 9.09 1.76
N MET A 35 -12.13 10.08 0.96
CA MET A 35 -11.93 11.41 1.52
C MET A 35 -12.83 12.46 0.94
N SER A 36 -13.37 13.32 1.79
CA SER A 36 -14.28 14.38 1.38
C SER A 36 -13.58 15.54 0.73
N PRO A 37 -14.35 16.38 0.05
CA PRO A 37 -13.81 17.55 -0.64
C PRO A 37 -13.16 18.50 0.31
N GLN A 38 -13.63 18.48 1.56
CA GLN A 38 -13.11 19.37 2.59
C GLN A 38 -11.99 18.72 3.41
N GLY A 39 -11.25 17.77 2.81
CA GLY A 39 -10.18 17.04 3.50
C GLY A 39 -10.53 16.12 4.67
N GLN A 40 -11.78 15.86 4.94
CA GLN A 40 -12.01 14.95 6.06
C GLN A 40 -11.91 13.53 5.53
N VAL A 41 -11.39 12.65 6.35
CA VAL A 41 -11.30 11.30 6.00
C VAL A 41 -12.64 10.67 6.37
N LEU A 42 -13.50 10.32 5.41
CA LEU A 42 -14.77 9.65 5.70
C LEU A 42 -14.65 8.23 6.16
N SER A 43 -13.61 7.58 5.69
CA SER A 43 -13.45 6.19 5.96
C SER A 43 -12.14 5.67 5.43
N ALA A 44 -11.50 4.82 6.21
CA ALA A 44 -10.15 4.34 5.85
C ALA A 44 -9.74 3.09 6.55
N HIS A 45 -9.10 2.22 5.82
CA HIS A 45 -8.58 1.09 6.55
C HIS A 45 -7.57 0.40 5.74
N VAL A 46 -6.86 -0.47 6.39
CA VAL A 46 -5.82 -1.21 5.78
C VAL A 46 -6.00 -2.68 5.98
N SER A 47 -5.71 -3.45 4.95
CA SER A 47 -5.70 -4.92 5.05
C SER A 47 -4.35 -5.43 4.70
N GLY A 48 -3.88 -6.36 5.47
CA GLY A 48 -2.52 -6.83 5.31
C GLY A 48 -2.29 -8.29 5.62
N ARG A 49 -1.22 -8.81 5.08
CA ARG A 49 -0.80 -10.10 5.46
C ARG A 49 0.69 -10.09 5.47
N VAL A 50 1.19 -11.07 6.21
CA VAL A 50 2.60 -11.28 6.30
C VAL A 50 2.85 -12.63 5.74
N VAL A 51 3.71 -12.70 4.75
CA VAL A 51 4.07 -13.97 4.19
C VAL A 51 5.50 -14.25 4.52
N MET A 52 5.84 -15.48 4.73
CA MET A 52 7.19 -15.76 5.12
C MET A 52 7.71 -16.75 4.15
N LYS A 53 8.99 -16.64 3.87
CA LYS A 53 9.64 -17.64 3.07
C LYS A 53 10.82 -18.08 3.89
N SER A 54 10.92 -19.36 4.20
CA SER A 54 12.03 -19.80 5.06
C SER A 54 12.77 -20.98 4.55
N TYR A 55 14.08 -20.92 4.63
CA TYR A 55 14.87 -22.07 4.29
C TYR A 55 15.79 -22.25 5.49
N LEU A 56 15.19 -22.76 6.57
CA LEU A 56 15.91 -23.01 7.80
C LEU A 56 16.11 -24.48 8.06
N SER A 57 17.26 -24.77 8.65
CA SER A 57 17.58 -26.13 8.97
C SER A 57 16.80 -26.65 10.20
N GLY A 58 16.30 -27.89 10.10
CA GLY A 58 15.65 -28.63 11.18
C GLY A 58 14.13 -28.65 11.32
N MET A 59 13.70 -28.22 12.52
CA MET A 59 12.33 -27.93 12.87
C MET A 59 12.47 -26.74 13.87
N PRO A 60 12.73 -25.55 13.38
CA PRO A 60 13.02 -24.42 14.24
C PRO A 60 11.78 -23.79 14.85
N GLU A 61 11.99 -23.16 16.00
CA GLU A 61 10.92 -22.53 16.72
C GLU A 61 11.15 -21.05 16.59
N CYS A 62 10.32 -20.39 15.80
CA CYS A 62 10.53 -18.97 15.58
C CYS A 62 9.59 -18.12 16.39
N LYS A 63 9.99 -16.87 16.60
CA LYS A 63 9.22 -15.87 17.33
C LYS A 63 9.14 -14.53 16.56
N PHE A 64 7.94 -14.21 16.07
CA PHE A 64 7.68 -12.99 15.31
C PHE A 64 7.18 -11.83 16.13
N GLY A 65 7.95 -10.76 16.14
CA GLY A 65 7.56 -9.58 16.87
C GLY A 65 7.56 -8.34 15.99
N MET A 66 6.49 -7.57 16.09
CA MET A 66 6.34 -6.34 15.32
C MET A 66 5.78 -5.24 16.23
N ASN A 67 5.51 -4.03 15.74
CA ASN A 67 5.26 -2.91 16.65
C ASN A 67 3.86 -2.78 17.11
N ASP A 68 3.50 -3.66 17.99
CA ASP A 68 2.12 -3.77 18.35
C ASP A 68 1.74 -3.58 19.82
N LYS A 69 2.56 -3.01 20.71
CA LYS A 69 2.02 -2.78 22.07
C LYS A 69 0.51 -2.51 21.89
N ILE A 70 0.29 -1.50 21.04
CA ILE A 70 -1.05 -1.05 20.63
C ILE A 70 -1.41 0.33 21.21
N LYS A 88 8.35 7.65 18.13
CA LYS A 88 8.31 6.22 18.44
C LYS A 88 7.43 5.46 17.42
N GLN A 89 7.13 4.20 17.73
CA GLN A 89 6.33 3.33 16.85
C GLN A 89 5.53 2.31 17.67
N SER A 90 4.21 2.25 17.42
CA SER A 90 3.34 1.29 18.13
C SER A 90 1.95 1.26 17.48
N ILE A 91 1.55 0.12 16.92
CA ILE A 91 0.29 0.10 16.15
C ILE A 91 -0.82 -0.79 16.65
N ALA A 92 -2.02 -0.38 16.28
CA ALA A 92 -3.22 -1.04 16.78
C ALA A 92 -3.99 -1.86 15.76
N ILE A 93 -4.02 -3.13 16.00
CA ILE A 93 -4.63 -4.03 15.10
C ILE A 93 -6.03 -4.30 15.52
N ASP A 94 -6.96 -4.07 14.61
CA ASP A 94 -8.36 -4.30 14.92
C ASP A 94 -8.59 -5.80 15.00
N ASP A 95 -8.09 -6.56 14.05
CA ASP A 95 -8.19 -8.01 14.21
C ASP A 95 -7.25 -8.75 13.27
N CYS A 96 -7.19 -10.07 13.43
CA CYS A 96 -6.30 -10.85 12.61
C CYS A 96 -6.34 -12.33 12.87
N THR A 97 -6.02 -13.09 11.84
CA THR A 97 -5.99 -14.52 11.98
C THR A 97 -4.64 -15.05 11.57
N PHE A 98 -4.32 -16.23 12.09
CA PHE A 98 -3.05 -16.85 11.92
C PHE A 98 -3.15 -18.18 11.20
N HIS A 99 -1.97 -18.69 10.92
CA HIS A 99 -1.75 -19.94 10.24
C HIS A 99 -1.66 -21.02 11.32
N GLN A 100 -2.26 -22.17 11.06
CA GLN A 100 -2.32 -23.20 12.10
C GLN A 100 -1.02 -23.36 12.89
N CYS A 101 0.11 -23.32 12.22
CA CYS A 101 1.32 -23.51 12.93
C CYS A 101 1.49 -22.52 14.08
N VAL A 102 0.61 -21.53 14.23
CA VAL A 102 0.80 -20.54 15.31
C VAL A 102 0.15 -20.90 16.62
N ARG A 103 0.97 -20.83 17.66
CA ARG A 103 0.58 -21.08 19.04
C ARG A 103 0.16 -19.77 19.65
N LEU A 104 -1.16 -19.63 19.66
CA LEU A 104 -1.95 -18.47 20.10
C LEU A 104 -1.38 -17.48 21.12
N SER A 105 -1.02 -18.01 22.30
CA SER A 105 -0.60 -17.18 23.42
C SER A 105 0.85 -16.74 23.32
N GLU A 110 5.18 -8.10 26.44
CA GLU A 110 3.99 -8.46 25.66
C GLU A 110 3.87 -9.97 25.41
N ARG A 111 2.91 -10.34 24.55
CA ARG A 111 2.64 -11.73 24.18
C ARG A 111 2.74 -11.84 22.65
N SER A 112 3.76 -12.54 22.16
CA SER A 112 3.98 -12.59 20.72
C SER A 112 3.66 -13.95 20.08
N ILE A 113 3.85 -13.99 18.75
CA ILE A 113 3.47 -15.09 17.90
C ILE A 113 4.55 -16.14 17.83
N SER A 114 4.16 -17.40 18.00
CA SER A 114 5.11 -18.47 18.03
C SER A 114 4.72 -19.58 17.14
N PHE A 115 5.70 -20.15 16.50
CA PHE A 115 5.41 -21.22 15.58
C PHE A 115 6.67 -21.90 15.09
N ILE A 116 6.42 -23.06 14.51
CA ILE A 116 7.39 -23.81 13.78
C ILE A 116 6.83 -23.78 12.39
N PRO A 117 7.46 -23.05 11.52
CA PRO A 117 6.86 -22.84 10.23
C PRO A 117 7.07 -23.93 9.28
N PRO A 118 6.23 -23.96 8.29
CA PRO A 118 6.36 -24.85 7.17
C PRO A 118 7.56 -24.42 6.39
N ASP A 119 8.05 -25.30 5.52
CA ASP A 119 9.22 -24.99 4.74
C ASP A 119 8.72 -24.34 3.51
N GLY A 120 9.52 -23.43 2.97
CA GLY A 120 9.14 -22.79 1.73
C GLY A 120 8.37 -21.54 2.08
N GLU A 121 7.38 -21.20 1.27
CA GLU A 121 6.58 -19.99 1.44
C GLU A 121 5.24 -20.28 2.04
N PHE A 122 4.79 -19.46 2.99
CA PHE A 122 3.46 -19.62 3.63
C PHE A 122 2.90 -18.28 4.19
N GLU A 123 1.57 -18.21 4.43
CA GLU A 123 0.94 -16.99 4.96
C GLU A 123 0.91 -17.08 6.45
N LEU A 124 1.72 -16.28 7.13
CA LEU A 124 1.81 -16.35 8.57
C LEU A 124 0.55 -15.78 9.15
N MET A 125 0.24 -14.52 8.91
CA MET A 125 -0.93 -13.92 9.48
C MET A 125 -1.63 -13.03 8.48
N ARG A 126 -2.77 -12.49 8.87
CA ARG A 126 -3.63 -11.69 8.01
C ARG A 126 -4.20 -10.66 8.94
N TYR A 127 -4.25 -9.41 8.55
CA TYR A 127 -4.75 -8.43 9.48
C TYR A 127 -5.48 -7.22 8.91
N ARG A 128 -6.13 -6.50 9.80
CA ARG A 128 -6.89 -5.32 9.48
C ARG A 128 -6.64 -4.19 10.44
N THR A 129 -6.87 -2.99 9.94
CA THR A 129 -6.47 -1.81 10.64
C THR A 129 -7.16 -0.54 10.21
N THR A 130 -7.54 0.31 11.16
CA THR A 130 -8.22 1.59 10.83
C THR A 130 -7.59 2.83 11.45
N LYS A 131 -6.87 2.65 12.54
CA LYS A 131 -6.30 3.82 13.24
C LYS A 131 -4.89 4.31 12.95
N ASP A 132 -4.70 5.61 13.02
CA ASP A 132 -3.39 6.21 12.82
C ASP A 132 -2.71 5.68 11.55
N ILE A 133 -3.52 5.49 10.54
CA ILE A 133 -3.02 5.03 9.28
C ILE A 133 -2.30 6.09 8.50
N ILE A 134 -1.24 5.76 7.84
CA ILE A 134 -0.61 6.70 7.00
C ILE A 134 -1.19 6.77 5.61
N LEU A 135 -1.72 7.90 5.20
CA LEU A 135 -2.27 8.11 3.86
C LEU A 135 -1.13 8.59 3.03
N PRO A 136 -0.51 7.75 2.22
CA PRO A 136 0.68 8.17 1.52
C PRO A 136 0.48 9.29 0.58
N PHE A 137 -0.74 9.50 0.13
CA PHE A 137 -0.98 10.51 -0.89
C PHE A 137 -2.20 11.33 -0.55
N ARG A 138 -2.08 12.61 -0.81
CA ARG A 138 -3.17 13.54 -0.61
C ARG A 138 -3.50 14.13 -1.94
N VAL A 139 -4.76 14.26 -2.24
CA VAL A 139 -5.13 14.74 -3.56
C VAL A 139 -5.93 15.99 -3.47
N ILE A 140 -5.49 17.03 -4.16
CA ILE A 140 -6.24 18.24 -4.06
C ILE A 140 -6.75 18.73 -5.34
N PRO A 141 -8.02 18.60 -5.46
CA PRO A 141 -8.71 18.97 -6.65
C PRO A 141 -9.25 20.34 -6.65
N LEU A 142 -9.22 20.92 -7.83
CA LEU A 142 -9.80 22.20 -8.04
C LEU A 142 -10.50 22.28 -9.39
N VAL A 143 -11.71 22.80 -9.37
CA VAL A 143 -12.51 22.80 -10.56
C VAL A 143 -13.25 24.08 -10.79
N ARG A 144 -13.18 24.59 -12.01
CA ARG A 144 -13.75 25.88 -12.33
C ARG A 144 -14.66 25.86 -13.56
N GLU A 145 -15.92 26.17 -13.33
CA GLU A 145 -16.93 26.17 -14.37
C GLU A 145 -16.80 27.45 -15.17
N VAL A 146 -16.74 27.26 -16.45
CA VAL A 146 -16.51 28.35 -17.33
C VAL A 146 -17.70 28.32 -18.30
N GLY A 147 -18.64 29.23 -18.06
CA GLY A 147 -19.84 29.33 -18.84
C GLY A 147 -20.53 27.97 -19.01
N ARG A 148 -20.70 27.56 -20.26
CA ARG A 148 -21.27 26.31 -20.61
C ARG A 148 -20.32 25.55 -21.50
N THR A 149 -19.13 26.09 -21.75
CA THR A 149 -18.24 25.43 -22.70
C THR A 149 -17.11 24.67 -22.11
N LYS A 150 -16.60 25.17 -21.00
CA LYS A 150 -15.42 24.62 -20.43
C LYS A 150 -15.49 24.43 -18.97
N LEU A 151 -14.67 23.50 -18.50
CA LEU A 151 -14.36 23.28 -17.12
C LEU A 151 -12.91 23.50 -17.03
N GLU A 152 -12.45 24.01 -15.92
CA GLU A 152 -11.03 24.16 -15.75
C GLU A 152 -10.68 23.34 -14.54
N VAL A 153 -9.68 22.49 -14.64
CA VAL A 153 -9.44 21.63 -13.54
C VAL A 153 -8.01 21.56 -13.23
N LYS A 154 -7.70 21.64 -11.95
CA LYS A 154 -6.32 21.50 -11.52
C LYS A 154 -6.36 20.48 -10.45
N VAL A 155 -5.41 19.57 -10.48
CA VAL A 155 -5.40 18.55 -9.48
C VAL A 155 -4.02 18.46 -8.96
N VAL A 156 -3.87 18.49 -7.65
CA VAL A 156 -2.54 18.41 -7.06
C VAL A 156 -2.41 17.18 -6.22
N ILE A 157 -1.31 16.47 -6.39
CA ILE A 157 -1.05 15.37 -5.53
C ILE A 157 0.19 15.71 -4.70
N LYS A 158 0.21 15.25 -3.45
CA LYS A 158 1.27 15.45 -2.49
C LYS A 158 1.66 14.15 -1.83
N SER A 159 2.95 13.84 -1.77
CA SER A 159 3.37 12.59 -1.19
C SER A 159 3.72 12.75 0.28
N ASN A 160 3.13 11.94 1.15
CA ASN A 160 3.35 12.08 2.57
C ASN A 160 4.21 11.00 3.20
N PHE A 161 5.51 11.07 2.99
CA PHE A 161 6.35 10.03 3.53
C PHE A 161 7.83 10.35 3.41
N LYS A 162 8.68 9.60 4.11
CA LYS A 162 10.13 9.84 4.02
C LYS A 162 10.53 10.12 2.58
N PRO A 163 11.20 11.21 2.37
CA PRO A 163 11.77 11.54 1.07
C PRO A 163 12.79 10.55 0.60
N SER A 164 13.26 9.65 1.44
CA SER A 164 14.27 8.72 0.97
C SER A 164 13.58 7.58 0.24
N LEU A 165 12.27 7.53 0.42
CA LEU A 165 11.42 6.52 -0.18
C LEU A 165 10.78 6.98 -1.48
N LEU A 166 10.67 6.05 -2.42
CA LEU A 166 10.04 6.32 -3.72
C LEU A 166 8.74 5.60 -3.94
N ALA A 167 7.75 6.26 -4.46
CA ALA A 167 6.57 5.52 -4.79
C ALA A 167 6.69 5.25 -6.23
N GLN A 168 6.12 4.14 -6.64
CA GLN A 168 6.23 3.77 -7.98
C GLN A 168 4.84 3.44 -8.47
N LYS A 169 4.64 3.50 -9.78
CA LYS A 169 3.38 3.16 -10.45
C LYS A 169 2.19 3.98 -10.05
N ILE A 170 2.35 5.30 -10.14
CA ILE A 170 1.28 6.18 -9.76
C ILE A 170 0.39 6.54 -10.90
N GLU A 171 -0.88 6.43 -10.61
CA GLU A 171 -1.89 6.82 -11.55
C GLU A 171 -2.99 7.66 -10.90
N VAL A 172 -3.38 8.71 -11.55
CA VAL A 172 -4.44 9.47 -11.01
C VAL A 172 -5.47 9.46 -12.07
N ARG A 173 -6.69 9.37 -11.64
CA ARG A 173 -7.71 9.12 -12.55
C ARG A 173 -8.78 10.13 -12.35
N ILE A 174 -8.96 11.01 -13.32
CA ILE A 174 -9.95 12.11 -13.22
C ILE A 174 -11.05 12.00 -14.22
N PRO A 175 -12.24 11.82 -13.68
CA PRO A 175 -13.46 11.68 -14.46
C PRO A 175 -13.92 12.92 -15.09
N THR A 176 -14.46 12.78 -16.29
CA THR A 176 -15.04 13.86 -17.07
C THR A 176 -16.50 13.60 -17.31
N PRO A 177 -17.26 14.61 -17.55
CA PRO A 177 -18.68 14.47 -17.83
C PRO A 177 -18.88 13.79 -19.12
N LEU A 178 -20.09 13.28 -19.32
CA LEU A 178 -20.38 12.50 -20.49
C LEU A 178 -20.50 13.35 -21.78
N ASN A 179 -20.64 14.67 -21.62
CA ASN A 179 -20.74 15.62 -22.75
C ASN A 179 -19.43 16.37 -23.08
N THR A 180 -18.34 15.65 -22.91
CA THR A 180 -17.04 16.21 -23.10
C THR A 180 -16.74 16.03 -24.51
N SER A 181 -16.49 17.10 -25.22
CA SER A 181 -16.10 16.90 -26.61
C SER A 181 -14.61 16.76 -26.80
N GLY A 182 -13.82 17.18 -25.83
CA GLY A 182 -12.39 17.02 -25.94
C GLY A 182 -11.66 17.47 -24.69
N VAL A 183 -10.38 17.14 -24.62
CA VAL A 183 -9.59 17.50 -23.45
C VAL A 183 -8.15 17.89 -23.71
N GLN A 184 -7.73 19.00 -23.14
CA GLN A 184 -6.33 19.39 -23.20
C GLN A 184 -5.79 19.39 -21.81
N VAL A 185 -4.59 18.88 -21.66
CA VAL A 185 -4.01 18.82 -20.34
C VAL A 185 -2.58 19.15 -20.37
N ILE A 186 -2.09 19.69 -19.29
CA ILE A 186 -0.68 19.89 -19.21
C ILE A 186 -0.23 19.36 -17.89
N CYS A 187 0.93 18.71 -17.89
CA CYS A 187 1.47 18.21 -16.66
C CYS A 187 2.95 18.09 -16.75
N MET A 188 3.67 18.79 -15.91
CA MET A 188 5.15 18.71 -15.99
C MET A 188 5.74 17.39 -15.49
N LYS A 189 5.03 16.61 -14.73
CA LYS A 189 5.57 15.31 -14.41
C LYS A 189 4.63 14.29 -15.01
N GLY A 190 5.18 13.21 -15.55
CA GLY A 190 4.41 12.12 -16.09
C GLY A 190 3.78 12.33 -17.45
N LYS A 191 2.77 11.51 -17.73
CA LYS A 191 2.02 11.56 -18.95
C LYS A 191 0.59 11.28 -18.63
N ALA A 192 -0.31 11.94 -19.35
CA ALA A 192 -1.71 11.75 -19.16
C ALA A 192 -2.43 11.73 -20.49
N LYS A 193 -3.22 10.69 -20.71
CA LYS A 193 -4.03 10.53 -21.89
C LYS A 193 -5.47 10.75 -21.50
N TYR A 194 -6.26 11.38 -22.35
CA TYR A 194 -7.70 11.44 -22.10
C TYR A 194 -8.27 10.19 -22.69
N LYS A 195 -9.06 9.48 -21.92
CA LYS A 195 -9.56 8.20 -22.39
C LYS A 195 -11.07 8.26 -22.44
N ALA A 196 -11.61 8.39 -23.64
CA ALA A 196 -13.06 8.59 -23.83
C ALA A 196 -13.97 7.44 -23.45
N SER A 197 -13.64 6.25 -23.92
CA SER A 197 -14.36 5.07 -23.52
C SER A 197 -14.47 5.08 -21.99
N GLU A 198 -13.34 5.09 -21.28
CA GLU A 198 -13.39 5.10 -19.81
C GLU A 198 -13.89 6.45 -19.21
N ASN A 199 -14.21 7.42 -20.05
CA ASN A 199 -14.60 8.75 -19.57
C ASN A 199 -13.72 9.34 -18.49
N ALA A 200 -12.42 9.22 -18.68
CA ALA A 200 -11.52 9.79 -17.73
C ALA A 200 -10.20 10.22 -18.26
N ILE A 201 -9.63 11.19 -17.56
CA ILE A 201 -8.27 11.60 -17.82
C ILE A 201 -7.41 10.76 -16.95
N VAL A 202 -6.41 10.15 -17.55
CA VAL A 202 -5.50 9.32 -16.77
C VAL A 202 -4.09 9.80 -16.80
N TRP A 203 -3.58 10.11 -15.62
CA TRP A 203 -2.23 10.65 -15.46
C TRP A 203 -1.41 9.55 -14.83
N LYS A 204 -0.24 9.31 -15.38
CA LYS A 204 0.64 8.23 -14.92
C LYS A 204 2.04 8.72 -14.62
N ILE A 205 2.54 8.39 -13.44
CA ILE A 205 3.86 8.77 -13.06
C ILE A 205 4.60 7.57 -12.61
N LYS A 206 5.78 7.35 -13.17
CA LYS A 206 6.59 6.20 -12.85
C LYS A 206 7.11 6.20 -11.45
N ARG A 207 7.68 7.29 -10.98
CA ARG A 207 8.21 7.31 -9.62
C ARG A 207 8.05 8.66 -9.02
N MET A 208 7.84 8.73 -7.72
CA MET A 208 7.76 10.01 -7.05
C MET A 208 8.17 9.85 -5.59
N ALA A 209 8.94 10.82 -5.09
CA ALA A 209 9.52 10.77 -3.74
C ALA A 209 8.68 11.37 -2.62
N GLY A 210 8.98 10.91 -1.43
CA GLY A 210 8.32 11.44 -0.26
C GLY A 210 8.43 12.95 -0.15
N MET A 211 7.43 13.54 0.46
CA MET A 211 7.36 14.99 0.68
C MET A 211 7.53 15.82 -0.59
N LYS A 212 6.79 15.53 -1.64
CA LYS A 212 6.92 16.32 -2.84
C LYS A 212 5.54 16.73 -3.31
N GLU A 213 5.43 17.50 -4.38
CA GLU A 213 4.13 17.89 -4.96
C GLU A 213 4.13 17.77 -6.47
N SER A 214 2.98 17.43 -7.03
CA SER A 214 2.91 17.40 -8.45
C SER A 214 1.58 17.85 -8.81
N GLN A 215 1.50 18.40 -10.01
CA GLN A 215 0.20 18.82 -10.45
C GLN A 215 -0.01 18.70 -11.94
N ILE A 216 -1.29 18.73 -12.28
CA ILE A 216 -1.79 18.52 -13.63
C ILE A 216 -2.92 19.50 -13.88
N SER A 217 -2.96 20.03 -15.09
CA SER A 217 -4.06 20.90 -15.42
C SER A 217 -4.75 20.44 -16.61
N ALA A 218 -6.04 20.58 -16.62
CA ALA A 218 -6.73 20.10 -17.78
C ALA A 218 -7.78 21.07 -18.13
N GLU A 219 -8.05 21.14 -19.40
CA GLU A 219 -9.19 21.93 -19.79
C GLU A 219 -10.08 21.08 -20.57
N ILE A 220 -11.33 21.10 -20.16
CA ILE A 220 -12.27 20.18 -20.67
C ILE A 220 -13.29 20.94 -21.40
N GLU A 221 -13.42 20.59 -22.68
CA GLU A 221 -14.33 21.24 -23.59
C GLU A 221 -15.61 20.40 -23.73
N LEU A 222 -16.75 21.07 -23.53
CA LEU A 222 -18.05 20.42 -23.49
C LEU A 222 -19.01 20.58 -24.63
N LEU A 223 -19.61 19.49 -25.07
CA LEU A 223 -20.78 19.60 -25.96
C LEU A 223 -21.91 20.25 -25.21
N PRO A 224 -22.93 20.65 -25.93
CA PRO A 224 -24.14 21.14 -25.29
C PRO A 224 -24.82 19.96 -24.60
N THR A 225 -25.69 20.19 -23.62
CA THR A 225 -26.34 19.06 -22.94
C THR A 225 -27.64 19.49 -22.31
N ASN A 226 -28.41 18.51 -21.82
CA ASN A 226 -29.69 18.82 -21.22
C ASN A 226 -29.54 19.56 -19.92
N ASP A 227 -29.62 20.86 -20.05
CA ASP A 227 -29.46 21.77 -18.93
C ASP A 227 -29.90 21.14 -17.61
N LYS A 228 -31.12 20.56 -17.58
CA LYS A 228 -31.75 20.06 -16.35
C LYS A 228 -30.94 19.06 -15.52
N LYS A 229 -30.54 17.94 -16.08
CA LYS A 229 -29.75 16.95 -15.31
C LYS A 229 -28.28 17.39 -15.09
N LYS A 230 -27.94 17.74 -13.85
CA LYS A 230 -26.60 18.15 -13.47
C LYS A 230 -25.60 16.97 -13.49
N TRP A 231 -24.29 17.30 -13.43
CA TRP A 231 -23.24 16.28 -13.42
C TRP A 231 -22.86 15.84 -12.01
N ALA A 232 -22.90 14.52 -11.82
CA ALA A 232 -22.53 13.91 -10.55
C ALA A 232 -21.04 13.58 -10.53
N ARG A 233 -20.23 14.48 -10.00
CA ARG A 233 -18.77 14.29 -10.00
C ARG A 233 -18.28 13.11 -9.14
N PRO A 234 -17.99 12.00 -9.80
CA PRO A 234 -17.42 10.86 -9.09
C PRO A 234 -16.07 11.27 -8.58
N PRO A 235 -15.50 10.50 -7.68
CA PRO A 235 -14.26 10.87 -7.06
C PRO A 235 -13.06 10.71 -7.95
N ILE A 236 -12.00 11.35 -7.54
CA ILE A 236 -10.75 11.24 -8.25
C ILE A 236 -10.15 10.08 -7.57
N SER A 237 -9.49 9.21 -8.30
CA SER A 237 -8.90 8.05 -7.67
C SER A 237 -7.45 7.81 -8.04
N MET A 238 -6.69 7.17 -7.17
CA MET A 238 -5.31 6.92 -7.44
C MET A 238 -4.97 5.45 -7.37
N ASN A 239 -3.86 5.07 -7.96
CA ASN A 239 -3.27 3.76 -7.73
C ASN A 239 -1.83 4.12 -7.44
N PHE A 240 -1.18 3.41 -6.53
CA PHE A 240 0.23 3.60 -6.30
C PHE A 240 0.77 2.38 -5.60
N GLU A 241 2.07 2.25 -5.50
CA GLU A 241 2.67 1.19 -4.70
C GLU A 241 3.77 1.91 -3.93
N VAL A 242 3.90 1.62 -2.63
CA VAL A 242 4.92 2.24 -1.79
C VAL A 242 5.66 1.21 -1.00
N PRO A 243 6.87 1.50 -0.65
CA PRO A 243 7.69 0.53 0.05
C PRO A 243 7.62 0.65 1.52
N PHE A 244 6.46 0.86 2.11
CA PHE A 244 6.33 0.76 3.53
C PHE A 244 4.89 0.42 3.86
N ALA A 245 4.63 -0.05 5.05
CA ALA A 245 3.29 -0.45 5.41
C ALA A 245 2.57 0.76 5.89
N PRO A 246 1.60 1.17 5.14
CA PRO A 246 0.76 2.30 5.51
C PRO A 246 0.10 2.12 6.83
N SER A 247 0.02 0.92 7.37
CA SER A 247 -0.57 0.75 8.70
C SER A 247 0.42 1.12 9.72
N GLY A 248 1.68 1.22 9.34
CA GLY A 248 2.65 1.70 10.29
C GLY A 248 3.34 0.53 10.91
N LEU A 249 2.77 -0.61 10.67
CA LEU A 249 3.36 -1.82 11.17
C LEU A 249 4.81 -1.96 10.74
N LYS A 250 5.65 -2.32 11.70
CA LYS A 250 7.07 -2.61 11.45
C LYS A 250 7.46 -3.93 12.03
N VAL A 251 8.34 -4.56 11.32
CA VAL A 251 8.80 -5.81 11.81
C VAL A 251 9.96 -5.50 12.71
N ARG A 252 9.98 -6.17 13.83
CA ARG A 252 11.03 -5.99 14.79
C ARG A 252 11.87 -7.18 14.89
N TYR A 253 11.31 -8.38 14.99
CA TYR A 253 12.24 -9.48 15.09
C TYR A 253 11.60 -10.75 14.73
N LEU A 254 12.44 -11.68 14.34
CA LEU A 254 12.02 -12.99 13.98
C LEU A 254 13.11 -13.83 14.56
N LYS A 255 12.89 -14.32 15.78
CA LYS A 255 13.91 -15.04 16.53
C LYS A 255 13.80 -16.50 16.15
N VAL A 256 14.89 -17.11 15.73
CA VAL A 256 14.89 -18.54 15.40
C VAL A 256 15.71 -19.32 16.41
N PHE A 257 15.19 -20.47 16.78
CA PHE A 257 15.81 -21.33 17.77
C PHE A 257 15.63 -22.74 17.35
N GLU A 258 16.73 -23.42 17.04
CA GLU A 258 16.63 -24.86 16.83
C GLU A 258 17.61 -25.39 17.84
N PRO A 259 17.08 -26.22 18.71
CA PRO A 259 17.80 -26.63 19.90
C PRO A 259 18.66 -27.89 19.64
N LYS A 260 18.15 -28.82 18.84
CA LYS A 260 18.93 -29.98 18.48
C LYS A 260 20.13 -29.58 17.64
N LEU A 261 19.93 -28.85 16.53
CA LEU A 261 21.04 -28.51 15.62
C LEU A 261 21.85 -27.38 16.09
N ASN A 262 23.02 -27.22 15.47
CA ASN A 262 24.03 -26.23 15.89
C ASN A 262 24.05 -24.96 15.10
N TYR A 263 22.90 -24.36 14.89
CA TYR A 263 22.90 -23.06 14.28
C TYR A 263 22.05 -22.26 15.23
N SER A 264 22.40 -21.01 15.40
CA SER A 264 21.64 -20.15 16.24
C SER A 264 21.04 -19.00 15.40
N ASP A 265 20.30 -18.18 16.09
CA ASP A 265 19.60 -17.10 15.46
C ASP A 265 20.51 -16.22 14.58
N HIS A 266 21.67 -15.90 15.08
CA HIS A 266 22.56 -15.07 14.34
C HIS A 266 23.14 -15.85 13.20
N ASP A 267 22.82 -17.08 13.07
CA ASP A 267 23.42 -17.71 11.92
C ASP A 267 22.52 -17.45 10.78
N VAL A 268 21.31 -17.04 11.11
CA VAL A 268 20.27 -16.93 10.10
C VAL A 268 20.29 -15.60 9.42
N ILE A 269 20.25 -15.61 8.10
CA ILE A 269 20.20 -14.36 7.36
C ILE A 269 18.76 -13.96 7.20
N LYS A 270 18.45 -12.76 7.56
CA LYS A 270 17.06 -12.42 7.56
C LYS A 270 16.64 -11.21 6.79
N TRP A 271 15.64 -11.33 5.96
CA TRP A 271 15.32 -10.18 5.12
C TRP A 271 13.94 -9.86 5.29
N VAL A 272 13.61 -8.65 5.15
CA VAL A 272 12.25 -8.33 5.33
C VAL A 272 12.08 -7.24 4.24
N ARG A 273 10.87 -7.08 3.80
CA ARG A 273 10.54 -6.07 2.79
C ARG A 273 9.05 -5.76 2.84
N TYR A 274 8.71 -4.49 2.70
CA TYR A 274 7.33 -4.02 2.78
C TYR A 274 6.78 -3.53 1.44
N ILE A 275 5.61 -4.00 1.02
CA ILE A 275 5.01 -3.58 -0.25
C ILE A 275 3.59 -3.05 -0.05
N GLY A 276 3.43 -1.74 -0.01
CA GLY A 276 2.11 -1.24 0.33
C GLY A 276 1.46 -0.77 -0.92
N ARG A 277 0.18 -1.02 -1.08
CA ARG A 277 -0.43 -0.61 -2.32
C ARG A 277 -1.79 -0.17 -2.11
N SER A 278 -2.23 0.67 -3.01
CA SER A 278 -3.53 1.22 -2.89
C SER A 278 -4.58 0.23 -3.18
N GLY A 279 -5.63 0.28 -2.43
CA GLY A 279 -6.74 -0.55 -2.84
C GLY A 279 -7.64 0.44 -3.58
N ILE A 280 -8.66 0.74 -2.84
CA ILE A 280 -9.50 1.79 -3.17
C ILE A 280 -9.09 3.06 -2.54
N TYR A 281 -8.86 4.11 -3.28
CA TYR A 281 -8.33 5.30 -2.70
C TYR A 281 -8.93 6.45 -3.40
N GLU A 282 -10.10 6.84 -2.93
CA GLU A 282 -10.88 7.88 -3.55
C GLU A 282 -11.01 9.18 -2.82
N THR A 283 -10.93 10.25 -3.59
CA THR A 283 -11.15 11.57 -3.07
C THR A 283 -12.29 12.26 -3.80
N ARG A 284 -13.29 12.72 -3.05
CA ARG A 284 -14.46 13.30 -3.68
C ARG A 284 -14.20 14.73 -4.00
N CYS A 285 -14.71 15.18 -5.13
CA CYS A 285 -14.65 16.60 -5.36
C CYS A 285 -16.09 17.10 -5.19
N HIS B 2 14.43 -0.31 -5.73
CA HIS B 2 13.15 -0.77 -6.29
C HIS B 2 12.13 -1.21 -5.22
N LEU B 3 10.95 -0.64 -5.28
CA LEU B 3 9.83 -1.25 -4.66
C LEU B 3 9.97 -2.73 -4.79
N GLY B 4 9.75 -3.46 -3.71
CA GLY B 4 9.80 -4.90 -3.76
C GLY B 4 11.19 -5.38 -3.41
N THR B 5 12.09 -4.47 -3.11
CA THR B 5 13.42 -4.88 -2.70
C THR B 5 13.43 -5.22 -1.22
N TYR B 6 14.19 -6.27 -0.91
CA TYR B 6 14.42 -6.81 0.42
C TYR B 6 15.51 -6.12 1.25
N GLY B 7 15.24 -5.88 2.53
CA GLY B 7 16.18 -5.27 3.45
C GLY B 7 16.53 -6.26 4.53
N VAL B 8 17.79 -6.23 4.95
CA VAL B 8 18.30 -7.09 6.02
C VAL B 8 17.79 -6.53 7.33
N PHE B 9 17.70 -7.36 8.37
CA PHE B 9 17.35 -6.79 9.67
C PHE B 9 17.99 -7.50 10.88
N THR B 10 17.89 -6.89 12.08
CA THR B 10 18.52 -7.42 13.31
#